data_6D79
#
_entry.id   6D79
#
_cell.length_a   172.100
_cell.length_b   57.020
_cell.length_c   96.140
_cell.angle_alpha   90.00
_cell.angle_beta   91.31
_cell.angle_gamma   90.00
#
_symmetry.space_group_name_H-M   'C 1 2 1'
#
_entity_poly.entity_id   1
_entity_poly.type   'polypeptide(L)'
_entity_poly.pdbx_seq_one_letter_code
;(MSE)PAPVLSGPQYLREGLKLVLSPGLRLFVLLPLLINLVLFVGLIYFAGHQFSLWVDAL(MSE)PSLPHWLSFLNYLL
WPLFVVLVAL(MSE)VFFTFT(MSE)LANIIAAPFNGFLSEKVEAVVRGVDNSPPFSWGELIA(MSE)VPRTLARE
(MSE)RKLGYFLPRAIALLILSFIPVLNLVAAPLWLIFGVW(MSE)(MSE)AIQYIDYPADNHKLGWNE(MSE)LAWLRE
KRWQSLSFGGIVYLVLLIPVVNIL(MSE)(MSE)PAAVAGATLFWVRERGDEALARTRA
;
_entity_poly.pdbx_strand_id   A,B
#
# COMPACT_ATOMS: atom_id res chain seq x y z
N GLY A 8 7.78 -30.86 1.95
CA GLY A 8 6.67 -29.95 2.18
C GLY A 8 5.75 -29.75 0.96
N PRO A 9 6.30 -29.38 -0.21
CA PRO A 9 5.37 -29.10 -1.31
C PRO A 9 4.88 -30.38 -1.96
N GLN A 10 5.47 -31.50 -1.56
CA GLN A 10 5.10 -32.78 -2.14
C GLN A 10 3.65 -33.13 -1.85
N TYR A 11 3.09 -32.66 -0.74
CA TYR A 11 1.69 -32.91 -0.44
C TYR A 11 0.81 -32.21 -1.50
N LEU A 12 1.23 -31.01 -1.86
CA LEU A 12 0.62 -30.23 -2.92
C LEU A 12 0.78 -30.93 -4.28
N ARG A 13 1.99 -31.39 -4.57
CA ARG A 13 2.25 -32.08 -5.82
C ARG A 13 1.41 -33.34 -5.96
N GLU A 14 1.27 -34.05 -4.84
CA GLU A 14 0.47 -35.26 -4.76
C GLU A 14 -0.95 -34.86 -5.01
N GLY A 15 -1.35 -33.70 -4.49
CA GLY A 15 -2.65 -33.15 -4.80
C GLY A 15 -2.83 -33.00 -6.30
N LEU A 16 -1.79 -32.50 -6.96
CA LEU A 16 -1.80 -32.37 -8.42
C LEU A 16 -1.93 -33.73 -9.09
N LYS A 17 -1.41 -34.77 -8.47
CA LYS A 17 -1.58 -36.10 -9.01
C LYS A 17 -3.02 -36.57 -8.85
N LEU A 18 -3.59 -36.34 -7.66
CA LEU A 18 -4.94 -36.74 -7.35
C LEU A 18 -5.96 -35.93 -8.13
N VAL A 19 -5.67 -34.66 -8.33
CA VAL A 19 -6.59 -33.77 -9.01
C VAL A 19 -6.69 -34.16 -10.47
N LEU A 20 -5.77 -35.00 -10.93
CA LEU A 20 -5.72 -35.45 -12.31
C LEU A 20 -6.20 -36.89 -12.47
N SER A 21 -6.46 -37.54 -11.34
CA SER A 21 -6.99 -38.90 -11.34
C SER A 21 -8.32 -38.96 -12.11
N PRO A 22 -8.48 -39.98 -12.95
CA PRO A 22 -9.62 -40.14 -13.86
C PRO A 22 -10.97 -40.22 -13.14
N GLY A 23 -10.96 -40.67 -11.90
CA GLY A 23 -12.19 -40.83 -11.15
C GLY A 23 -12.67 -39.51 -10.55
N LEU A 24 -11.71 -38.67 -10.18
CA LEU A 24 -11.99 -37.39 -9.55
C LEU A 24 -12.33 -36.28 -10.53
N ARG A 25 -12.04 -36.52 -11.81
CA ARG A 25 -12.24 -35.52 -12.86
C ARG A 25 -13.62 -34.90 -12.90
N LEU A 26 -14.63 -35.59 -12.39
CA LEU A 26 -15.95 -35.00 -12.26
C LEU A 26 -15.91 -33.93 -11.18
N PHE A 27 -15.44 -34.33 -10.00
CA PHE A 27 -15.44 -33.46 -8.84
C PHE A 27 -14.36 -32.39 -8.98
N VAL A 28 -13.37 -32.67 -9.81
CA VAL A 28 -12.31 -31.72 -10.10
C VAL A 28 -12.81 -30.70 -11.12
N LEU A 29 -13.50 -31.18 -12.15
CA LEU A 29 -14.01 -30.27 -13.18
C LEU A 29 -15.30 -29.55 -12.79
N LEU A 30 -15.86 -29.87 -11.62
CA LEU A 30 -17.02 -29.09 -11.14
C LEU A 30 -16.68 -27.64 -10.76
N PRO A 31 -15.70 -27.44 -9.86
CA PRO A 31 -15.44 -26.05 -9.50
C PRO A 31 -14.49 -25.40 -10.49
N LEU A 32 -13.83 -26.22 -11.31
CA LEU A 32 -12.84 -25.73 -12.25
C LEU A 32 -13.51 -24.95 -13.39
N LEU A 33 -14.78 -25.26 -13.66
CA LEU A 33 -15.48 -24.56 -14.72
C LEU A 33 -16.12 -23.26 -14.23
N ILE A 34 -16.72 -23.29 -13.03
CA ILE A 34 -17.34 -22.08 -12.48
C ILE A 34 -16.29 -21.02 -12.15
N ASN A 35 -15.08 -21.47 -11.82
CA ASN A 35 -13.99 -20.55 -11.52
C ASN A 35 -13.38 -20.01 -12.79
N LEU A 36 -13.31 -20.85 -13.82
CA LEU A 36 -12.77 -20.45 -15.12
C LEU A 36 -13.66 -19.39 -15.76
N VAL A 37 -14.97 -19.64 -15.76
CA VAL A 37 -15.90 -18.71 -16.37
C VAL A 37 -15.95 -17.40 -15.60
N LEU A 38 -15.62 -17.45 -14.31
CA LEU A 38 -15.55 -16.26 -13.48
C LEU A 38 -14.24 -15.49 -13.73
N PHE A 39 -13.19 -16.22 -14.09
CA PHE A 39 -11.91 -15.62 -14.44
C PHE A 39 -12.02 -14.91 -15.79
N VAL A 40 -12.65 -15.59 -16.74
CA VAL A 40 -12.92 -15.01 -18.05
C VAL A 40 -14.01 -13.95 -17.91
N GLY A 41 -14.96 -14.20 -17.02
CA GLY A 41 -16.06 -13.27 -16.78
C GLY A 41 -15.60 -11.97 -16.14
N LEU A 42 -14.45 -12.01 -15.47
CA LEU A 42 -13.88 -10.82 -14.84
C LEU A 42 -13.48 -9.78 -15.87
N ILE A 43 -12.59 -10.17 -16.78
CA ILE A 43 -12.04 -9.25 -17.77
C ILE A 43 -13.07 -8.73 -18.78
N TYR A 44 -14.15 -9.48 -18.97
CA TYR A 44 -15.22 -9.05 -19.86
C TYR A 44 -15.98 -7.90 -19.22
N PHE A 45 -16.38 -8.09 -17.96
CA PHE A 45 -17.07 -7.07 -17.20
C PHE A 45 -16.13 -5.90 -16.92
N ALA A 46 -14.88 -6.21 -16.60
CA ALA A 46 -13.88 -5.19 -16.31
C ALA A 46 -13.45 -4.42 -17.56
N GLY A 47 -13.62 -5.04 -18.73
CA GLY A 47 -13.26 -4.39 -19.98
C GLY A 47 -14.29 -3.34 -20.35
N HIS A 48 -15.56 -3.63 -20.06
CA HIS A 48 -16.66 -2.80 -20.53
C HIS A 48 -17.21 -1.86 -19.46
N GLN A 49 -17.40 -2.37 -18.24
CA GLN A 49 -18.05 -1.61 -17.17
C GLN A 49 -17.10 -0.65 -16.46
N PHE A 50 -15.82 -0.99 -16.41
CA PHE A 50 -14.85 -0.21 -15.67
C PHE A 50 -14.61 1.16 -16.29
N SER A 51 -14.76 1.25 -17.61
CA SER A 51 -14.65 2.52 -18.31
C SER A 51 -15.80 3.43 -17.92
N LEU A 52 -16.99 2.83 -17.74
CA LEU A 52 -18.19 3.55 -17.33
C LEU A 52 -18.01 4.21 -15.96
N TRP A 53 -17.41 3.47 -15.03
CA TRP A 53 -17.11 3.98 -13.70
C TRP A 53 -16.37 5.33 -13.73
N PRO A 74 -7.17 10.13 -11.64
CA PRO A 74 -6.46 8.85 -11.66
C PRO A 74 -6.56 8.10 -10.34
N LEU A 75 -6.48 8.83 -9.22
CA LEU A 75 -6.61 8.25 -7.89
C LEU A 75 -7.94 7.54 -7.71
N PHE A 76 -9.02 8.18 -8.13
CA PHE A 76 -10.33 7.54 -8.05
C PHE A 76 -10.34 6.30 -8.92
N VAL A 77 -9.63 6.37 -10.04
CA VAL A 77 -9.59 5.25 -10.98
C VAL A 77 -8.85 4.05 -10.39
N VAL A 78 -7.66 4.32 -9.84
CA VAL A 78 -6.90 3.29 -9.13
C VAL A 78 -7.72 2.75 -7.94
N LEU A 79 -8.55 3.62 -7.38
CA LEU A 79 -9.46 3.24 -6.30
C LEU A 79 -10.46 2.18 -6.75
N VAL A 80 -11.33 2.51 -7.71
CA VAL A 80 -12.30 1.54 -8.19
C VAL A 80 -11.59 0.28 -8.71
N ALA A 81 -10.37 0.45 -9.23
CA ALA A 81 -9.59 -0.68 -9.68
C ALA A 81 -9.32 -1.67 -8.53
N LEU A 82 -8.59 -1.22 -7.52
CA LEU A 82 -8.27 -2.10 -6.40
C LEU A 82 -9.54 -2.65 -5.75
N MSE A 83 -10.54 -1.79 -5.63
CA MSE A 83 -11.83 -2.20 -5.08
C MSE A 83 -12.42 -3.39 -5.80
O MSE A 83 -12.71 -4.42 -5.18
CB MSE A 83 -12.82 -1.03 -5.08
CG MSE A 83 -12.75 -0.20 -3.82
SE MSE A 83 -12.95 -1.31 -2.23
CE MSE A 83 -14.89 -1.31 -2.09
N VAL A 84 -12.60 -3.28 -7.12
CA VAL A 84 -13.13 -4.42 -7.86
C VAL A 84 -12.22 -5.62 -7.80
N PHE A 85 -10.90 -5.42 -7.77
CA PHE A 85 -10.01 -6.58 -7.64
C PHE A 85 -10.30 -7.37 -6.36
N PHE A 86 -10.00 -6.78 -5.21
CA PHE A 86 -10.15 -7.55 -3.97
C PHE A 86 -11.60 -7.92 -3.61
N THR A 87 -12.58 -7.11 -3.99
CA THR A 87 -13.96 -7.50 -3.77
C THR A 87 -14.33 -8.67 -4.67
N PHE A 88 -13.81 -8.66 -5.90
CA PHE A 88 -13.98 -9.79 -6.83
C PHE A 88 -13.45 -11.05 -6.19
N THR A 89 -12.27 -10.98 -5.58
CA THR A 89 -11.75 -12.16 -4.92
C THR A 89 -12.63 -12.60 -3.75
N MSE A 90 -13.16 -11.63 -3.00
CA MSE A 90 -14.06 -11.99 -1.91
C MSE A 90 -15.31 -12.76 -2.39
O MSE A 90 -15.59 -13.87 -1.89
CB MSE A 90 -14.50 -10.76 -1.11
CG MSE A 90 -15.52 -11.09 -0.03
SE MSE A 90 -15.88 -9.64 1.21
CE MSE A 90 -14.04 -9.30 1.79
N LEU A 91 -16.04 -12.20 -3.34
CA LEU A 91 -17.23 -12.87 -3.84
C LEU A 91 -16.84 -14.20 -4.50
N ALA A 92 -15.63 -14.26 -5.04
CA ALA A 92 -15.13 -15.47 -5.68
C ALA A 92 -14.98 -16.58 -4.65
N ASN A 93 -14.47 -16.22 -3.48
CA ASN A 93 -14.35 -17.18 -2.39
C ASN A 93 -15.69 -17.62 -1.80
N ILE A 94 -16.57 -16.65 -1.54
CA ILE A 94 -17.86 -17.00 -0.97
C ILE A 94 -18.72 -17.78 -1.96
N ILE A 95 -18.42 -17.69 -3.25
CA ILE A 95 -19.16 -18.46 -4.25
C ILE A 95 -18.57 -19.85 -4.45
N ALA A 96 -17.25 -19.94 -4.57
CA ALA A 96 -16.59 -21.22 -4.81
C ALA A 96 -16.36 -22.01 -3.52
N ALA A 97 -16.82 -21.46 -2.39
CA ALA A 97 -16.63 -22.13 -1.10
C ALA A 97 -17.24 -23.53 -0.97
N PRO A 98 -18.52 -23.71 -1.37
CA PRO A 98 -19.08 -25.06 -1.20
C PRO A 98 -18.39 -26.13 -2.04
N PHE A 99 -18.15 -25.83 -3.32
CA PHE A 99 -17.54 -26.80 -4.24
C PHE A 99 -16.22 -27.36 -3.74
N ASN A 100 -15.46 -26.56 -3.01
CA ASN A 100 -14.18 -27.03 -2.46
C ASN A 100 -14.37 -28.08 -1.38
N GLY A 101 -15.35 -27.84 -0.50
CA GLY A 101 -15.65 -28.78 0.57
C GLY A 101 -16.09 -30.13 0.03
N PHE A 102 -16.82 -30.08 -1.08
CA PHE A 102 -17.33 -31.29 -1.73
C PHE A 102 -16.21 -32.16 -2.24
N LEU A 103 -15.34 -31.59 -3.06
CA LEU A 103 -14.16 -32.30 -3.55
C LEU A 103 -13.30 -32.76 -2.38
N SER A 104 -13.25 -31.95 -1.32
CA SER A 104 -12.36 -32.22 -0.20
C SER A 104 -12.67 -33.55 0.44
N GLU A 105 -13.94 -33.91 0.43
CA GLU A 105 -14.40 -35.16 1.00
C GLU A 105 -14.00 -36.34 0.12
N LYS A 106 -13.87 -36.08 -1.18
CA LYS A 106 -13.58 -37.14 -2.14
C LYS A 106 -12.11 -37.51 -2.11
N VAL A 107 -11.23 -36.51 -2.17
CA VAL A 107 -9.79 -36.79 -2.14
C VAL A 107 -9.42 -37.54 -0.86
N GLU A 108 -10.20 -37.35 0.19
CA GLU A 108 -10.02 -38.14 1.41
C GLU A 108 -10.42 -39.56 1.06
N ALA A 109 -11.68 -39.75 0.67
CA ALA A 109 -12.15 -41.04 0.17
C ALA A 109 -11.19 -41.72 -0.81
N VAL A 110 -10.75 -40.98 -1.83
CA VAL A 110 -9.88 -41.56 -2.86
C VAL A 110 -8.58 -42.14 -2.29
N VAL A 111 -7.83 -41.34 -1.56
CA VAL A 111 -6.57 -41.79 -0.97
C VAL A 111 -6.84 -42.72 0.22
N ARG A 112 -8.11 -42.86 0.61
CA ARG A 112 -8.47 -43.75 1.70
C ARG A 112 -9.17 -45.02 1.23
N GLY A 113 -10.33 -45.29 1.84
CA GLY A 113 -11.09 -46.50 1.57
C GLY A 113 -11.52 -46.64 0.12
N VAL A 114 -12.59 -45.94 -0.24
CA VAL A 114 -13.12 -46.03 -1.60
C VAL A 114 -12.06 -45.55 -2.60
N ASP A 115 -11.39 -46.51 -3.23
CA ASP A 115 -10.34 -46.19 -4.20
C ASP A 115 -10.91 -45.44 -5.40
N ASN A 116 -10.04 -44.73 -6.11
CA ASN A 116 -10.40 -43.83 -7.21
C ASN A 116 -11.83 -43.26 -7.20
N SER A 117 -12.54 -43.42 -8.33
CA SER A 117 -13.89 -42.91 -8.51
C SER A 117 -14.84 -43.33 -7.39
N PRO A 118 -15.28 -42.37 -6.56
CA PRO A 118 -16.26 -42.61 -5.51
C PRO A 118 -17.65 -42.13 -5.92
N PRO A 119 -18.64 -43.04 -5.86
CA PRO A 119 -20.00 -42.73 -6.31
C PRO A 119 -20.75 -41.75 -5.40
N PHE A 120 -20.66 -40.46 -5.71
CA PHE A 120 -21.46 -39.46 -5.01
C PHE A 120 -22.28 -38.64 -6.01
N SER A 121 -23.56 -38.51 -5.73
CA SER A 121 -24.49 -37.84 -6.65
C SER A 121 -24.55 -36.33 -6.42
N TRP A 122 -25.20 -35.65 -7.37
CA TRP A 122 -25.29 -34.19 -7.40
C TRP A 122 -25.97 -33.60 -6.16
N GLY A 123 -27.18 -34.09 -5.85
CA GLY A 123 -27.97 -33.57 -4.75
C GLY A 123 -27.24 -33.45 -3.43
N GLU A 124 -26.22 -34.29 -3.25
CA GLU A 124 -25.36 -34.25 -2.07
C GLU A 124 -24.94 -32.82 -1.73
N LEU A 125 -24.57 -32.07 -2.76
CA LEU A 125 -24.13 -30.68 -2.62
C LEU A 125 -25.04 -29.82 -1.76
N ILE A 126 -26.35 -30.05 -1.88
CA ILE A 126 -27.35 -29.27 -1.15
C ILE A 126 -27.09 -29.26 0.35
N ALA A 127 -26.52 -30.35 0.87
CA ALA A 127 -26.30 -30.47 2.30
C ALA A 127 -25.14 -29.63 2.81
N MSE A 128 -24.26 -29.22 1.90
CA MSE A 128 -23.02 -28.54 2.30
C MSE A 128 -23.11 -27.02 2.18
O MSE A 128 -22.34 -26.30 2.82
CB MSE A 128 -21.84 -29.04 1.47
CG MSE A 128 -21.54 -30.51 1.65
SE MSE A 128 -19.83 -30.96 0.86
CE MSE A 128 -19.89 -32.89 1.16
N VAL A 129 -24.05 -26.55 1.37
CA VAL A 129 -24.22 -25.12 1.13
C VAL A 129 -24.36 -24.29 2.41
N PRO A 130 -25.23 -24.72 3.36
CA PRO A 130 -25.32 -23.94 4.60
C PRO A 130 -24.06 -23.94 5.46
N ARG A 131 -23.33 -25.05 5.50
CA ARG A 131 -22.15 -25.15 6.36
C ARG A 131 -20.95 -24.40 5.79
N THR A 132 -20.74 -24.51 4.48
CA THR A 132 -19.59 -23.88 3.82
C THR A 132 -19.67 -22.35 3.84
N LEU A 133 -20.88 -21.82 3.72
CA LEU A 133 -21.11 -20.39 3.75
C LEU A 133 -20.95 -19.86 5.18
N ALA A 134 -21.30 -20.69 6.16
CA ALA A 134 -21.18 -20.31 7.57
C ALA A 134 -19.76 -20.50 8.06
N ARG A 135 -18.93 -21.11 7.23
CA ARG A 135 -17.52 -21.31 7.54
C ARG A 135 -16.71 -20.22 6.84
N GLU A 136 -17.16 -19.86 5.63
CA GLU A 136 -16.46 -18.89 4.79
C GLU A 136 -16.49 -17.50 5.40
N MSE A 137 -17.67 -17.04 5.79
CA MSE A 137 -17.83 -15.72 6.40
C MSE A 137 -17.08 -15.63 7.72
O MSE A 137 -16.79 -14.54 8.20
CB MSE A 137 -19.31 -15.40 6.61
CG MSE A 137 -19.92 -14.53 5.51
SE MSE A 137 -19.54 -15.18 3.72
CE MSE A 137 -20.65 -13.95 2.69
N ARG A 138 -16.76 -16.78 8.30
CA ARG A 138 -15.95 -16.80 9.51
C ARG A 138 -14.47 -16.65 9.17
N LYS A 139 -14.07 -17.23 8.05
CA LYS A 139 -12.71 -17.06 7.53
C LYS A 139 -12.43 -15.58 7.21
N LEU A 140 -13.36 -14.96 6.49
CA LEU A 140 -13.27 -13.55 6.14
C LEU A 140 -13.36 -12.67 7.37
N GLY A 141 -14.09 -13.14 8.37
CA GLY A 141 -14.22 -12.44 9.64
C GLY A 141 -12.87 -12.48 10.33
N TYR A 142 -12.13 -13.55 10.05
CA TYR A 142 -10.78 -13.73 10.57
C TYR A 142 -9.82 -12.86 9.77
N PHE A 143 -10.10 -12.79 8.48
CA PHE A 143 -9.20 -12.20 7.51
C PHE A 143 -9.26 -10.67 7.48
N LEU A 144 -10.45 -10.14 7.24
CA LEU A 144 -10.65 -8.69 7.04
C LEU A 144 -10.00 -7.75 8.05
N PRO A 145 -10.22 -7.96 9.36
CA PRO A 145 -9.60 -7.04 10.32
C PRO A 145 -8.07 -7.15 10.34
N ARG A 146 -7.52 -8.34 10.17
CA ARG A 146 -6.07 -8.47 10.09
C ARG A 146 -5.60 -7.88 8.77
N ALA A 147 -6.45 -7.98 7.75
CA ALA A 147 -6.12 -7.42 6.45
C ALA A 147 -6.02 -5.91 6.55
N ILE A 148 -7.04 -5.31 7.18
CA ILE A 148 -7.11 -3.87 7.37
C ILE A 148 -6.03 -3.41 8.35
N ALA A 149 -5.64 -4.30 9.26
CA ALA A 149 -4.60 -3.98 10.22
C ALA A 149 -3.28 -3.76 9.50
N LEU A 150 -3.00 -4.59 8.49
CA LEU A 150 -1.76 -4.44 7.75
C LEU A 150 -1.76 -3.24 6.79
N LEU A 151 -2.92 -2.88 6.27
CA LEU A 151 -3.03 -1.79 5.32
C LEU A 151 -2.70 -0.46 5.98
N ILE A 152 -3.20 -0.30 7.20
CA ILE A 152 -2.92 0.91 7.97
C ILE A 152 -1.43 0.95 8.28
N LEU A 153 -0.83 -0.23 8.49
CA LEU A 153 0.61 -0.33 8.71
C LEU A 153 1.41 0.06 7.47
N SER A 154 0.77 0.01 6.30
CA SER A 154 1.48 0.24 5.05
C SER A 154 1.54 1.71 4.65
N PHE A 155 1.01 2.59 5.50
CA PHE A 155 1.08 4.02 5.24
C PHE A 155 1.73 4.79 6.37
N ILE A 156 2.26 4.09 7.36
CA ILE A 156 3.02 4.75 8.40
C ILE A 156 4.47 4.83 7.96
N PRO A 157 4.89 6.03 7.49
CA PRO A 157 6.13 6.37 6.79
C PRO A 157 7.37 5.46 6.97
N VAL A 158 8.02 5.46 8.12
CA VAL A 158 9.23 4.65 8.24
C VAL A 158 8.95 3.19 8.64
N LEU A 159 7.70 2.90 9.01
CA LEU A 159 7.35 1.55 9.47
C LEU A 159 7.01 0.61 8.32
N ASN A 160 6.81 1.17 7.14
CA ASN A 160 6.35 0.41 5.99
C ASN A 160 7.34 -0.64 5.50
N LEU A 161 8.59 -0.46 5.89
CA LEU A 161 9.66 -1.32 5.40
C LEU A 161 9.41 -2.79 5.72
N VAL A 162 8.60 -3.05 6.74
CA VAL A 162 8.26 -4.41 7.16
C VAL A 162 6.79 -4.78 6.93
N ALA A 163 6.04 -3.93 6.23
CA ALA A 163 4.66 -4.24 5.92
C ALA A 163 4.53 -5.37 4.92
N ALA A 164 5.34 -5.36 3.86
CA ALA A 164 5.27 -6.43 2.87
C ALA A 164 5.80 -7.77 3.37
N PRO A 165 6.91 -7.78 4.13
CA PRO A 165 7.27 -9.04 4.76
C PRO A 165 6.17 -9.64 5.64
N LEU A 166 5.45 -8.79 6.38
CA LEU A 166 4.34 -9.28 7.19
C LEU A 166 3.26 -9.80 6.29
N TRP A 167 3.07 -9.09 5.18
CA TRP A 167 2.00 -9.44 4.28
C TRP A 167 2.27 -10.76 3.55
N LEU A 168 3.55 -11.09 3.40
CA LEU A 168 3.94 -12.36 2.78
C LEU A 168 3.66 -13.53 3.72
N ILE A 169 4.14 -13.38 4.96
CA ILE A 169 3.93 -14.34 6.04
C ILE A 169 2.44 -14.51 6.33
N PHE A 170 1.74 -13.39 6.50
CA PHE A 170 0.31 -13.40 6.76
C PHE A 170 -0.47 -13.95 5.57
N GLY A 171 0.12 -13.85 4.38
CA GLY A 171 -0.53 -14.25 3.15
C GLY A 171 -0.39 -15.73 2.90
N VAL A 172 0.65 -16.31 3.49
CA VAL A 172 0.89 -17.74 3.42
C VAL A 172 0.06 -18.48 4.46
N TRP A 173 0.05 -17.94 5.67
CA TRP A 173 -0.79 -18.48 6.74
C TRP A 173 -2.25 -18.33 6.38
N MSE A 174 -2.53 -17.43 5.45
CA MSE A 174 -3.90 -17.25 5.01
C MSE A 174 -4.25 -18.26 3.91
O MSE A 174 -5.40 -18.39 3.52
CB MSE A 174 -4.15 -15.81 4.55
CG MSE A 174 -5.61 -15.37 4.62
SE MSE A 174 -6.51 -15.85 6.28
CE MSE A 174 -5.19 -15.18 7.54
N MSE A 175 -3.23 -18.97 3.43
CA MSE A 175 -3.45 -20.06 2.49
C MSE A 175 -3.61 -21.37 3.24
O MSE A 175 -4.39 -22.23 2.86
CB MSE A 175 -2.30 -20.17 1.48
CG MSE A 175 -2.25 -19.02 0.49
SE MSE A 175 -3.94 -18.84 -0.44
CE MSE A 175 -3.54 -19.81 -2.06
N ALA A 176 -2.84 -21.53 4.31
CA ALA A 176 -2.92 -22.73 5.12
C ALA A 176 -4.34 -22.88 5.67
N ILE A 177 -4.80 -21.89 6.44
CA ILE A 177 -6.11 -22.00 7.07
C ILE A 177 -7.24 -21.93 6.04
N GLN A 178 -6.92 -21.49 4.84
CA GLN A 178 -7.93 -21.45 3.79
C GLN A 178 -8.31 -22.86 3.34
N TYR A 179 -7.31 -23.67 3.02
CA TYR A 179 -7.55 -25.00 2.45
C TYR A 179 -7.59 -26.15 3.47
N ILE A 180 -6.66 -26.12 4.42
CA ILE A 180 -6.62 -27.10 5.48
C ILE A 180 -7.88 -27.02 6.33
N ASP A 181 -8.63 -25.94 6.18
CA ASP A 181 -9.90 -25.84 6.89
C ASP A 181 -10.96 -26.76 6.29
N TYR A 182 -10.87 -27.06 5.00
CA TYR A 182 -11.87 -27.91 4.34
C TYR A 182 -12.00 -29.32 4.94
N PRO A 183 -10.90 -30.08 4.97
CA PRO A 183 -11.05 -31.43 5.52
C PRO A 183 -11.29 -31.38 7.02
N ALA A 184 -10.81 -30.33 7.69
CA ALA A 184 -10.97 -30.22 9.13
C ALA A 184 -12.36 -29.70 9.47
N ASP A 185 -13.12 -29.35 8.44
CA ASP A 185 -14.49 -28.89 8.61
C ASP A 185 -15.42 -30.03 8.22
N ASN A 186 -14.93 -30.90 7.35
CA ASN A 186 -15.63 -32.14 7.10
C ASN A 186 -15.66 -33.01 8.35
N HIS A 187 -14.55 -33.01 9.08
CA HIS A 187 -14.48 -33.68 10.37
C HIS A 187 -14.67 -32.62 11.43
N LYS A 188 -15.89 -32.54 11.98
CA LYS A 188 -16.32 -31.42 12.81
C LYS A 188 -15.26 -30.87 13.78
N LEU A 189 -14.84 -29.64 13.51
CA LEU A 189 -13.84 -28.95 14.32
C LEU A 189 -14.25 -27.49 14.54
N GLY A 190 -13.86 -26.95 15.68
CA GLY A 190 -14.14 -25.55 15.99
C GLY A 190 -13.28 -24.61 15.16
N TRP A 191 -13.76 -23.38 15.02
CA TRP A 191 -13.04 -22.37 14.26
C TRP A 191 -11.71 -22.02 14.91
N ASN A 192 -11.72 -21.86 16.23
CA ASN A 192 -10.49 -21.60 16.97
C ASN A 192 -9.61 -22.82 17.01
N GLU A 193 -10.21 -23.96 17.35
CA GLU A 193 -9.48 -25.21 17.55
C GLU A 193 -8.62 -25.55 16.35
N MSE A 194 -9.20 -25.43 15.15
CA MSE A 194 -8.46 -25.65 13.92
C MSE A 194 -7.20 -24.80 13.92
O MSE A 194 -6.10 -25.33 13.78
CB MSE A 194 -9.31 -25.28 12.70
CG MSE A 194 -8.64 -25.53 11.37
SE MSE A 194 -8.28 -23.88 10.37
CE MSE A 194 -9.37 -22.64 11.43
N LEU A 195 -7.39 -23.50 14.11
CA LEU A 195 -6.27 -22.56 14.18
C LEU A 195 -5.22 -23.06 15.17
N ALA A 196 -5.67 -23.53 16.34
CA ALA A 196 -4.75 -24.00 17.36
C ALA A 196 -3.91 -25.14 16.82
N TRP A 197 -4.59 -26.07 16.15
CA TRP A 197 -3.91 -27.20 15.53
C TRP A 197 -2.95 -26.68 14.45
N LEU A 198 -3.41 -25.70 13.68
CA LEU A 198 -2.53 -25.06 12.71
C LEU A 198 -1.37 -24.39 13.42
N ARG A 199 -1.64 -23.84 14.60
CA ARG A 199 -0.55 -23.28 15.40
C ARG A 199 0.30 -24.40 15.97
N GLU A 200 -0.32 -25.52 16.29
CA GLU A 200 0.41 -26.61 16.94
C GLU A 200 1.59 -27.02 16.07
N LYS A 201 1.35 -27.11 14.77
CA LYS A 201 2.39 -27.43 13.82
C LYS A 201 2.47 -26.28 12.85
N ARG A 202 3.19 -25.24 13.24
CA ARG A 202 3.23 -24.04 12.41
C ARG A 202 4.04 -24.27 11.14
N TRP A 203 5.21 -24.89 11.30
CA TRP A 203 6.17 -24.99 10.20
C TRP A 203 5.63 -25.67 8.94
N GLN A 204 5.04 -26.85 9.08
CA GLN A 204 4.50 -27.59 7.93
C GLN A 204 3.28 -26.89 7.32
N SER A 205 2.54 -26.18 8.17
CA SER A 205 1.38 -25.41 7.73
C SER A 205 1.85 -24.28 6.82
N LEU A 206 2.77 -23.48 7.36
CA LEU A 206 3.36 -22.37 6.62
C LEU A 206 4.03 -22.90 5.37
N SER A 207 4.47 -24.15 5.41
CA SER A 207 5.10 -24.77 4.25
C SER A 207 4.09 -24.96 3.14
N PHE A 208 3.08 -25.77 3.42
CA PHE A 208 2.01 -26.04 2.46
C PHE A 208 1.39 -24.75 1.92
N GLY A 209 0.91 -23.90 2.83
CA GLY A 209 0.34 -22.62 2.43
C GLY A 209 1.33 -21.79 1.66
N GLY A 210 2.61 -21.96 1.99
CA GLY A 210 3.69 -21.22 1.34
C GLY A 210 3.77 -21.54 -0.13
N ILE A 211 4.06 -22.80 -0.44
CA ILE A 211 4.16 -23.23 -1.82
C ILE A 211 2.87 -22.92 -2.58
N VAL A 212 1.72 -23.16 -1.93
CA VAL A 212 0.43 -22.88 -2.54
C VAL A 212 0.28 -21.40 -2.91
N TYR A 213 0.82 -20.53 -2.05
CA TYR A 213 0.83 -19.10 -2.34
C TYR A 213 1.71 -18.80 -3.53
N LEU A 214 2.87 -19.47 -3.57
CA LEU A 214 3.82 -19.24 -4.64
C LEU A 214 3.23 -19.64 -5.99
N VAL A 215 2.37 -20.66 -5.97
CA VAL A 215 1.73 -21.10 -7.21
C VAL A 215 0.50 -20.26 -7.51
N LEU A 216 -0.09 -19.69 -6.46
CA LEU A 216 -1.23 -18.80 -6.61
C LEU A 216 -0.86 -17.59 -7.46
N LEU A 217 0.38 -17.13 -7.32
CA LEU A 217 0.86 -15.95 -8.02
C LEU A 217 0.69 -16.07 -9.52
N ILE A 218 0.96 -17.24 -10.06
CA ILE A 218 0.76 -17.46 -11.50
C ILE A 218 -0.70 -17.19 -11.83
N PRO A 219 -0.95 -16.21 -12.71
CA PRO A 219 -2.32 -15.82 -13.05
C PRO A 219 -3.09 -16.89 -13.83
N VAL A 220 -2.38 -17.79 -14.50
CA VAL A 220 -3.01 -18.77 -15.38
C VAL A 220 -3.07 -20.19 -14.81
N VAL A 221 -1.94 -20.71 -14.35
CA VAL A 221 -1.86 -22.07 -13.85
C VAL A 221 -2.63 -22.24 -12.54
N ASN A 222 -2.79 -21.15 -11.80
CA ASN A 222 -3.47 -21.19 -10.51
C ASN A 222 -4.88 -21.76 -10.59
N ILE A 223 -5.54 -21.56 -11.73
CA ILE A 223 -6.89 -22.07 -11.92
C ILE A 223 -6.93 -23.59 -11.75
N LEU A 224 -5.81 -24.24 -12.07
CA LEU A 224 -5.70 -25.70 -12.00
C LEU A 224 -5.14 -26.12 -10.65
N MSE A 225 -4.34 -25.24 -10.07
CA MSE A 225 -3.68 -25.53 -8.81
C MSE A 225 -4.53 -25.11 -7.62
O MSE A 225 -4.19 -25.38 -6.47
CB MSE A 225 -2.30 -24.86 -8.76
CG MSE A 225 -1.43 -25.27 -9.93
SE MSE A 225 -1.06 -27.17 -9.89
CE MSE A 225 0.28 -27.15 -8.49
N MSE A 226 -5.63 -24.44 -7.90
CA MSE A 226 -6.57 -24.13 -6.85
C MSE A 226 -7.26 -25.38 -6.33
O MSE A 226 -7.33 -25.55 -5.11
CB MSE A 226 -7.56 -23.02 -7.24
CG MSE A 226 -6.99 -21.63 -7.02
SE MSE A 226 -8.18 -20.20 -7.57
CE MSE A 226 -9.52 -20.36 -6.16
N PRO A 227 -7.74 -26.28 -7.22
CA PRO A 227 -8.27 -27.56 -6.76
C PRO A 227 -7.18 -28.52 -6.27
N ALA A 228 -6.00 -28.45 -6.88
CA ALA A 228 -4.87 -29.25 -6.43
C ALA A 228 -4.55 -28.95 -4.96
N ALA A 229 -4.69 -27.68 -4.61
CA ALA A 229 -4.38 -27.22 -3.25
C ALA A 229 -5.25 -27.89 -2.19
N VAL A 230 -6.57 -27.88 -2.39
CA VAL A 230 -7.49 -28.44 -1.41
C VAL A 230 -7.28 -29.94 -1.27
N ALA A 231 -6.96 -30.59 -2.37
CA ALA A 231 -6.62 -32.01 -2.36
C ALA A 231 -5.40 -32.23 -1.48
N GLY A 232 -4.35 -31.46 -1.73
CA GLY A 232 -3.17 -31.52 -0.89
C GLY A 232 -3.48 -31.26 0.58
N ALA A 233 -4.49 -30.45 0.84
CA ALA A 233 -4.84 -30.08 2.22
C ALA A 233 -5.57 -31.19 2.95
N THR A 234 -6.48 -31.84 2.24
CA THR A 234 -7.10 -33.02 2.81
C THR A 234 -6.00 -34.04 3.05
N LEU A 235 -5.03 -34.08 2.15
CA LEU A 235 -3.90 -34.99 2.30
C LEU A 235 -3.14 -34.64 3.56
N PHE A 236 -3.10 -33.35 3.86
CA PHE A 236 -2.44 -32.86 5.05
C PHE A 236 -3.17 -33.39 6.27
N TRP A 237 -4.49 -33.27 6.27
CA TRP A 237 -5.24 -33.70 7.44
C TRP A 237 -5.06 -35.20 7.62
N VAL A 238 -5.07 -35.93 6.51
CA VAL A 238 -4.96 -37.38 6.54
C VAL A 238 -3.62 -37.86 7.08
N ARG A 239 -2.53 -37.37 6.49
CA ARG A 239 -1.20 -37.82 6.87
C ARG A 239 -0.71 -37.26 8.20
N GLU A 240 -1.57 -36.53 8.91
CA GLU A 240 -1.19 -36.03 10.24
C GLU A 240 -2.34 -36.16 11.24
N GLY B 8 26.17 17.81 6.22
CA GLY B 8 25.00 17.44 5.42
C GLY B 8 23.66 17.67 6.17
N PRO B 9 23.52 17.17 7.40
CA PRO B 9 22.34 17.65 8.11
C PRO B 9 22.65 19.02 8.71
N GLN B 10 23.93 19.38 8.69
CA GLN B 10 24.39 20.67 9.17
C GLN B 10 23.74 21.82 8.41
N TYR B 11 23.47 21.63 7.12
CA TYR B 11 22.77 22.62 6.32
C TYR B 11 21.42 22.87 6.98
N LEU B 12 20.74 21.79 7.31
CA LEU B 12 19.42 21.86 7.91
C LEU B 12 19.50 22.50 9.30
N ARG B 13 20.54 22.16 10.06
CA ARG B 13 20.68 22.68 11.42
C ARG B 13 20.91 24.17 11.41
N GLU B 14 21.81 24.62 10.53
CA GLU B 14 22.07 26.05 10.35
C GLU B 14 20.81 26.71 9.82
N GLY B 15 19.99 25.93 9.12
CA GLY B 15 18.71 26.41 8.62
C GLY B 15 17.80 26.67 9.80
N LEU B 16 17.96 25.86 10.84
CA LEU B 16 17.24 26.07 12.09
C LEU B 16 17.78 27.29 12.81
N LYS B 17 19.09 27.51 12.71
CA LYS B 17 19.69 28.67 13.36
C LYS B 17 19.18 29.94 12.72
N LEU B 18 19.15 29.97 11.39
CA LEU B 18 18.74 31.15 10.64
C LEU B 18 17.24 31.38 10.71
N VAL B 19 16.48 30.29 10.78
CA VAL B 19 15.02 30.41 10.87
C VAL B 19 14.63 31.01 12.22
N LEU B 20 15.56 30.97 13.16
CA LEU B 20 15.34 31.50 14.50
C LEU B 20 15.95 32.89 14.68
N SER B 21 16.58 33.42 13.63
CA SER B 21 17.18 34.74 13.67
C SER B 21 16.13 35.82 13.90
N PRO B 22 16.40 36.74 14.84
CA PRO B 22 15.43 37.75 15.26
C PRO B 22 14.95 38.64 14.12
N GLY B 23 15.80 38.82 13.12
CA GLY B 23 15.44 39.66 11.99
C GLY B 23 14.53 38.94 11.02
N LEU B 24 14.70 37.63 10.95
CA LEU B 24 13.89 36.83 10.03
C LEU B 24 12.53 36.49 10.62
N ARG B 25 12.42 36.53 11.95
CA ARG B 25 11.23 36.04 12.66
C ARG B 25 9.88 36.50 12.11
N LEU B 26 9.85 37.67 11.49
CA LEU B 26 8.63 38.12 10.83
C LEU B 26 8.33 37.20 9.65
N PHE B 27 9.34 37.03 8.79
CA PHE B 27 9.20 36.32 7.53
C PHE B 27 9.18 34.81 7.76
N VAL B 28 9.71 34.41 8.91
CA VAL B 28 9.65 33.03 9.37
C VAL B 28 8.27 32.70 9.92
N LEU B 29 7.78 33.53 10.84
CA LEU B 29 6.48 33.26 11.45
C LEU B 29 5.31 33.51 10.50
N LEU B 30 5.56 34.21 9.40
CA LEU B 30 4.49 34.52 8.45
C LEU B 30 3.83 33.28 7.81
N PRO B 31 4.63 32.34 7.26
CA PRO B 31 4.00 31.13 6.72
C PRO B 31 3.79 30.06 7.78
N LEU B 32 4.48 30.20 8.92
CA LEU B 32 4.37 29.25 10.00
C LEU B 32 3.01 29.36 10.71
N LEU B 33 2.39 30.53 10.62
CA LEU B 33 1.08 30.71 11.25
C LEU B 33 -0.06 30.22 10.36
N ILE B 34 0.04 30.45 9.06
CA ILE B 34 -0.99 30.00 8.13
C ILE B 34 -0.91 28.48 7.97
N ASN B 35 0.26 27.92 8.26
CA ASN B 35 0.48 26.49 8.13
C ASN B 35 -0.05 25.76 9.36
N LEU B 36 0.08 26.41 10.52
CA LEU B 36 -0.37 25.82 11.77
C LEU B 36 -1.89 25.84 11.88
N VAL B 37 -2.50 26.94 11.50
CA VAL B 37 -3.96 27.04 11.54
C VAL B 37 -4.59 26.06 10.56
N LEU B 38 -3.82 25.66 9.56
CA LEU B 38 -4.28 24.67 8.60
C LEU B 38 -4.08 23.25 9.16
N PHE B 39 -3.01 23.09 9.94
CA PHE B 39 -2.70 21.82 10.62
C PHE B 39 -3.74 21.57 11.70
N VAL B 40 -4.04 22.59 12.49
CA VAL B 40 -5.08 22.50 13.49
C VAL B 40 -6.43 22.51 12.80
N GLY B 41 -6.50 23.22 11.68
CA GLY B 41 -7.69 23.25 10.86
C GLY B 41 -8.03 21.89 10.29
N LEU B 42 -7.02 21.03 10.18
CA LEU B 42 -7.25 19.65 9.74
C LEU B 42 -8.12 18.93 10.75
N ILE B 43 -7.53 18.58 11.89
CA ILE B 43 -8.17 17.76 12.90
C ILE B 43 -9.53 18.29 13.36
N TYR B 44 -9.76 19.58 13.18
CA TYR B 44 -11.07 20.14 13.46
C TYR B 44 -12.05 19.71 12.39
N PHE B 45 -11.60 19.75 11.14
CA PHE B 45 -12.44 19.33 10.02
C PHE B 45 -12.51 17.81 9.92
N ALA B 46 -11.44 17.13 10.35
CA ALA B 46 -11.40 15.68 10.29
C ALA B 46 -12.25 15.07 11.40
N GLY B 47 -12.22 15.69 12.58
CA GLY B 47 -13.00 15.21 13.70
C GLY B 47 -14.48 15.31 13.45
N HIS B 48 -14.92 16.47 12.99
CA HIS B 48 -16.33 16.73 12.78
C HIS B 48 -16.89 16.13 11.49
N GLN B 49 -16.28 16.47 10.37
CA GLN B 49 -16.86 16.18 9.07
C GLN B 49 -16.63 14.76 8.54
N PHE B 50 -15.49 14.17 8.86
CA PHE B 50 -15.14 12.86 8.34
C PHE B 50 -16.13 11.79 8.80
N SER B 51 -16.61 11.93 10.02
CA SER B 51 -17.64 11.04 10.53
C SER B 51 -18.90 11.22 9.71
N LEU B 52 -19.23 12.48 9.42
CA LEU B 52 -20.38 12.82 8.60
C LEU B 52 -20.15 12.41 7.15
N LEU B 72 -15.86 -4.55 3.79
CA LEU B 72 -16.61 -3.55 3.04
C LEU B 72 -16.43 -2.15 3.61
N TRP B 73 -17.30 -1.77 4.53
CA TRP B 73 -17.30 -0.44 5.13
C TRP B 73 -15.96 0.02 5.75
N PRO B 74 -15.30 -0.82 6.57
CA PRO B 74 -14.03 -0.36 7.15
C PRO B 74 -13.02 -0.04 6.06
N LEU B 75 -12.99 -0.88 5.03
CA LEU B 75 -12.08 -0.68 3.90
C LEU B 75 -12.33 0.68 3.29
N PHE B 76 -13.59 0.91 2.94
CA PHE B 76 -14.01 2.18 2.35
C PHE B 76 -13.66 3.39 3.22
N VAL B 77 -13.73 3.21 4.55
CA VAL B 77 -13.45 4.31 5.47
C VAL B 77 -11.95 4.64 5.53
N VAL B 78 -11.13 3.61 5.67
CA VAL B 78 -9.67 3.77 5.60
C VAL B 78 -9.30 4.45 4.27
N LEU B 79 -9.95 3.98 3.22
CA LEU B 79 -9.83 4.49 1.87
C LEU B 79 -10.08 5.99 1.73
N VAL B 80 -11.31 6.41 2.02
CA VAL B 80 -11.67 7.82 1.93
C VAL B 80 -10.81 8.66 2.89
N ALA B 81 -10.38 8.05 3.99
CA ALA B 81 -9.45 8.72 4.90
C ALA B 81 -8.20 9.07 4.12
N LEU B 82 -7.66 8.09 3.41
CA LEU B 82 -6.49 8.33 2.57
C LEU B 82 -6.75 9.42 1.54
N MSE B 83 -7.93 9.40 0.94
CA MSE B 83 -8.29 10.46 0.00
C MSE B 83 -8.06 11.80 0.68
O MSE B 83 -7.26 12.63 0.21
CB MSE B 83 -9.75 10.34 -0.42
CG MSE B 83 -10.07 9.09 -1.22
SE MSE B 83 -9.29 9.14 -3.01
CE MSE B 83 -10.06 10.82 -3.63
N VAL B 84 -8.74 11.98 1.80
CA VAL B 84 -8.67 13.20 2.60
C VAL B 84 -7.22 13.62 2.85
N PHE B 85 -6.39 12.66 3.27
CA PHE B 85 -4.98 12.96 3.53
C PHE B 85 -4.25 13.45 2.29
N PHE B 86 -4.38 12.74 1.19
CA PHE B 86 -3.80 13.16 -0.08
C PHE B 86 -4.17 14.60 -0.46
N THR B 87 -5.47 14.86 -0.61
CA THR B 87 -5.92 16.18 -1.01
C THR B 87 -5.47 17.26 -0.02
N PHE B 88 -5.51 16.92 1.26
CA PHE B 88 -5.07 17.84 2.30
C PHE B 88 -3.61 18.25 2.10
N THR B 89 -2.74 17.24 2.00
CA THR B 89 -1.32 17.48 1.75
C THR B 89 -1.09 18.34 0.51
N MSE B 90 -1.65 17.90 -0.62
CA MSE B 90 -1.46 18.60 -1.89
C MSE B 90 -1.84 20.06 -1.78
O MSE B 90 -1.05 20.95 -2.17
CB MSE B 90 -2.26 17.92 -3.00
CG MSE B 90 -2.09 18.57 -4.35
SE MSE B 90 -2.80 17.47 -5.80
CE MSE B 90 -1.64 15.92 -5.59
N LEU B 91 -3.02 20.34 -1.24
CA LEU B 91 -3.48 21.72 -1.10
C LEU B 91 -2.58 22.53 -0.15
N ALA B 92 -2.13 21.89 0.92
CA ALA B 92 -1.24 22.55 1.88
C ALA B 92 0.03 23.02 1.19
N ASN B 93 0.60 22.14 0.37
CA ASN B 93 1.79 22.52 -0.40
C ASN B 93 1.52 23.61 -1.42
N ILE B 94 0.46 23.50 -2.20
CA ILE B 94 0.20 24.49 -3.24
C ILE B 94 -0.13 25.86 -2.65
N ILE B 95 -0.63 25.90 -1.42
CA ILE B 95 -0.90 27.18 -0.79
C ILE B 95 0.34 27.76 -0.09
N ALA B 96 1.13 26.90 0.55
CA ALA B 96 2.34 27.37 1.22
C ALA B 96 3.49 27.61 0.26
N ALA B 97 3.29 27.25 -1.01
CA ALA B 97 4.33 27.38 -2.03
C ALA B 97 4.92 28.79 -2.20
N PRO B 98 4.08 29.82 -2.44
CA PRO B 98 4.71 31.12 -2.64
C PRO B 98 5.41 31.60 -1.39
N PHE B 99 4.79 31.39 -0.23
CA PHE B 99 5.33 31.84 1.04
C PHE B 99 6.73 31.31 1.31
N ASN B 100 6.98 30.07 0.90
CA ASN B 100 8.30 29.49 1.04
C ASN B 100 9.30 30.11 0.10
N GLY B 101 8.87 30.40 -1.13
CA GLY B 101 9.72 31.04 -2.11
C GLY B 101 10.15 32.43 -1.66
N PHE B 102 9.29 33.10 -0.91
CA PHE B 102 9.58 34.44 -0.43
C PHE B 102 10.66 34.40 0.63
N LEU B 103 10.46 33.60 1.66
CA LEU B 103 11.43 33.45 2.74
C LEU B 103 12.76 32.97 2.19
N SER B 104 12.71 32.16 1.13
CA SER B 104 13.92 31.61 0.53
C SER B 104 14.89 32.71 0.14
N GLU B 105 14.36 33.76 -0.48
CA GLU B 105 15.16 34.91 -0.86
C GLU B 105 15.70 35.60 0.38
N LYS B 106 14.87 35.69 1.41
CA LYS B 106 15.23 36.43 2.60
C LYS B 106 16.28 35.72 3.46
N VAL B 107 16.22 34.40 3.53
CA VAL B 107 17.22 33.64 4.27
C VAL B 107 18.55 33.71 3.51
N GLU B 108 18.46 33.78 2.19
CA GLU B 108 19.63 34.02 1.36
C GLU B 108 20.23 35.38 1.70
N ALA B 109 19.41 36.43 1.64
CA ALA B 109 19.84 37.78 1.99
C ALA B 109 20.62 37.83 3.29
N VAL B 110 20.07 37.26 4.36
CA VAL B 110 20.69 37.31 5.68
C VAL B 110 22.11 36.72 5.69
N VAL B 111 22.27 35.51 5.17
CA VAL B 111 23.57 34.88 5.13
C VAL B 111 24.50 35.59 4.13
N ARG B 112 23.89 36.29 3.18
CA ARG B 112 24.66 37.05 2.19
C ARG B 112 24.86 38.51 2.60
N GLY B 113 24.71 39.39 1.62
CA GLY B 113 25.00 40.81 1.79
C GLY B 113 24.25 41.50 2.89
N VAL B 114 22.95 41.70 2.69
CA VAL B 114 22.11 42.34 3.69
C VAL B 114 22.07 41.51 4.97
N ASP B 115 22.95 41.83 5.91
CA ASP B 115 23.03 41.09 7.17
C ASP B 115 21.70 41.14 7.91
N ASN B 116 21.47 40.14 8.76
CA ASN B 116 20.20 39.93 9.48
C ASN B 116 18.95 40.52 8.83
N SER B 117 18.16 41.24 9.63
CA SER B 117 16.90 41.83 9.18
C SER B 117 17.05 42.63 7.88
N PRO B 118 16.48 42.11 6.79
CA PRO B 118 16.44 42.84 5.52
C PRO B 118 15.08 43.47 5.27
N PRO B 119 15.07 44.76 4.88
CA PRO B 119 13.82 45.49 4.69
C PRO B 119 13.02 45.05 3.46
N PHE B 120 12.13 44.08 3.63
CA PHE B 120 11.22 43.68 2.57
C PHE B 120 9.76 43.87 2.99
N SER B 121 9.01 44.55 2.14
CA SER B 121 7.63 44.91 2.45
C SER B 121 6.67 43.78 2.06
N TRP B 122 5.44 43.88 2.53
CA TRP B 122 4.41 42.88 2.28
C TRP B 122 4.09 42.73 0.79
N GLY B 123 3.84 43.86 0.13
CA GLY B 123 3.43 43.89 -1.27
C GLY B 123 4.30 43.06 -2.20
N GLU B 124 5.55 42.89 -1.81
CA GLU B 124 6.52 42.08 -2.56
C GLU B 124 5.95 40.72 -2.94
N LEU B 125 5.23 40.12 -2.00
CA LEU B 125 4.65 38.80 -2.18
C LEU B 125 3.81 38.68 -3.45
N ILE B 126 3.24 39.78 -3.91
CA ILE B 126 2.39 39.76 -5.08
C ILE B 126 3.14 39.32 -6.34
N ALA B 127 4.43 39.64 -6.40
CA ALA B 127 5.21 39.39 -7.62
C ALA B 127 5.58 37.92 -7.83
N MSE B 128 5.58 37.16 -6.74
CA MSE B 128 6.01 35.77 -6.80
C MSE B 128 4.86 34.81 -7.03
O MSE B 128 5.07 33.62 -7.24
CB MSE B 128 6.70 35.38 -5.49
CG MSE B 128 7.97 36.12 -5.21
SE MSE B 128 8.79 35.43 -3.60
CE MSE B 128 10.31 36.63 -3.49
N VAL B 129 3.64 35.32 -6.98
CA VAL B 129 2.45 34.48 -7.09
C VAL B 129 2.41 33.59 -8.35
N PRO B 130 2.61 34.18 -9.55
CA PRO B 130 2.58 33.32 -10.74
C PRO B 130 3.69 32.28 -10.75
N ARG B 131 4.94 32.73 -10.65
CA ARG B 131 6.10 31.86 -10.78
C ARG B 131 6.13 30.72 -9.76
N THR B 132 5.87 31.02 -8.49
CA THR B 132 5.92 30.00 -7.46
C THR B 132 4.86 28.93 -7.64
N LEU B 133 3.67 29.35 -8.05
CA LEU B 133 2.57 28.44 -8.26
C LEU B 133 2.83 27.55 -9.47
N ALA B 134 3.40 28.14 -10.52
CA ALA B 134 3.79 27.37 -11.69
C ALA B 134 4.81 26.31 -11.29
N ARG B 135 5.83 26.72 -10.54
CA ARG B 135 6.82 25.78 -10.05
C ARG B 135 6.17 24.65 -9.24
N GLU B 136 5.24 25.00 -8.36
CA GLU B 136 4.62 24.02 -7.48
C GLU B 136 3.81 23.00 -8.27
N MSE B 137 3.02 23.48 -9.20
CA MSE B 137 2.22 22.58 -10.03
C MSE B 137 3.13 21.70 -10.90
O MSE B 137 2.81 20.52 -11.16
CB MSE B 137 1.18 23.36 -10.83
CG MSE B 137 -0.28 23.11 -10.37
SE MSE B 137 -0.62 23.43 -8.47
CE MSE B 137 -2.40 22.62 -8.36
N ARG B 138 4.25 22.26 -11.34
CA ARG B 138 5.26 21.49 -12.08
C ARG B 138 5.83 20.36 -11.18
N LYS B 139 6.06 20.70 -9.92
CA LYS B 139 6.51 19.75 -8.91
C LYS B 139 5.51 18.61 -8.72
N LEU B 140 4.23 18.94 -8.68
CA LEU B 140 3.21 17.89 -8.50
C LEU B 140 3.05 17.04 -9.75
N GLY B 141 3.34 17.64 -10.90
CA GLY B 141 3.27 16.93 -12.17
C GLY B 141 4.45 16.00 -12.35
N TYR B 142 5.55 16.31 -11.67
CA TYR B 142 6.69 15.42 -11.62
C TYR B 142 6.41 14.31 -10.62
N PHE B 143 5.78 14.68 -9.51
CA PHE B 143 5.54 13.75 -8.42
C PHE B 143 4.48 12.68 -8.73
N LEU B 144 3.26 13.10 -9.01
CA LEU B 144 2.13 12.18 -9.12
C LEU B 144 2.33 10.90 -9.96
N PRO B 145 2.87 11.02 -11.18
CA PRO B 145 2.99 9.79 -11.97
C PRO B 145 3.98 8.79 -11.36
N ARG B 146 5.15 9.23 -10.94
CA ARG B 146 6.07 8.32 -10.26
C ARG B 146 5.43 7.85 -8.95
N ALA B 147 4.61 8.71 -8.36
CA ALA B 147 3.90 8.34 -7.16
C ALA B 147 2.91 7.21 -7.44
N ILE B 148 2.21 7.31 -8.57
CA ILE B 148 1.27 6.26 -8.97
C ILE B 148 1.97 4.96 -9.37
N ALA B 149 3.13 5.07 -10.01
CA ALA B 149 3.87 3.90 -10.44
C ALA B 149 4.31 3.10 -9.22
N LEU B 150 4.88 3.77 -8.23
CA LEU B 150 5.30 3.07 -7.02
C LEU B 150 4.15 2.44 -6.23
N LEU B 151 2.97 3.05 -6.29
CA LEU B 151 1.80 2.53 -5.58
C LEU B 151 1.35 1.25 -6.23
N ILE B 152 1.48 1.20 -7.56
CA ILE B 152 1.05 0.04 -8.32
C ILE B 152 2.05 -1.11 -8.16
N LEU B 153 3.33 -0.78 -8.03
CA LEU B 153 4.33 -1.80 -7.68
C LEU B 153 4.05 -2.35 -6.28
N SER B 154 3.39 -1.54 -5.45
CA SER B 154 3.09 -1.90 -4.07
C SER B 154 2.06 -3.02 -3.94
N PHE B 155 1.40 -3.34 -5.04
CA PHE B 155 0.38 -4.36 -5.00
C PHE B 155 0.63 -5.46 -6.03
N ILE B 156 1.90 -5.77 -6.28
CA ILE B 156 2.24 -6.94 -7.06
C ILE B 156 2.85 -7.99 -6.14
N PRO B 157 2.00 -8.86 -5.62
CA PRO B 157 2.20 -9.77 -4.48
C PRO B 157 3.62 -10.19 -4.11
N VAL B 158 4.52 -10.41 -5.05
CA VAL B 158 5.86 -10.82 -4.62
C VAL B 158 6.90 -9.72 -4.85
N LEU B 159 6.46 -8.61 -5.42
CA LEU B 159 7.39 -7.54 -5.78
C LEU B 159 7.43 -6.48 -4.69
N ASN B 160 6.39 -6.48 -3.87
CA ASN B 160 6.19 -5.52 -2.80
C ASN B 160 7.37 -5.37 -1.86
N LEU B 161 8.13 -6.44 -1.74
CA LEU B 161 9.27 -6.41 -0.84
C LEU B 161 10.20 -5.23 -1.16
N VAL B 162 10.18 -4.75 -2.40
CA VAL B 162 10.99 -3.58 -2.77
C VAL B 162 10.21 -2.29 -3.07
N ALA B 163 8.90 -2.30 -2.89
CA ALA B 163 8.14 -1.06 -3.04
C ALA B 163 8.58 -0.02 -2.00
N ALA B 164 8.41 -0.35 -0.72
CA ALA B 164 8.73 0.60 0.35
C ALA B 164 10.14 1.17 0.30
N PRO B 165 11.17 0.34 0.08
CA PRO B 165 12.48 0.97 -0.08
C PRO B 165 12.58 1.89 -1.30
N LEU B 166 11.70 1.69 -2.27
CA LEU B 166 11.67 2.57 -3.43
C LEU B 166 10.91 3.82 -3.05
N TRP B 167 9.76 3.67 -2.40
CA TRP B 167 9.02 4.80 -1.84
C TRP B 167 9.91 5.69 -1.00
N LEU B 168 10.73 5.07 -0.13
CA LEU B 168 11.64 5.82 0.72
C LEU B 168 12.66 6.62 -0.08
N ILE B 169 13.34 5.98 -1.03
CA ILE B 169 14.35 6.67 -1.83
C ILE B 169 13.75 7.75 -2.71
N PHE B 170 12.63 7.42 -3.35
CA PHE B 170 11.88 8.38 -4.14
C PHE B 170 11.35 9.48 -3.24
N GLY B 171 10.99 9.09 -2.01
CA GLY B 171 10.52 10.01 -0.99
C GLY B 171 11.50 11.11 -0.62
N VAL B 172 12.74 10.73 -0.37
CA VAL B 172 13.73 11.71 0.06
C VAL B 172 14.29 12.51 -1.10
N TRP B 173 14.26 11.94 -2.30
CA TRP B 173 14.65 12.68 -3.48
C TRP B 173 13.56 13.72 -3.73
N MSE B 174 12.32 13.33 -3.39
CA MSE B 174 11.20 14.25 -3.48
C MSE B 174 11.31 15.35 -2.42
O MSE B 174 10.73 16.42 -2.58
CB MSE B 174 9.87 13.51 -3.30
CG MSE B 174 9.26 13.06 -4.60
SE MSE B 174 9.06 14.52 -5.88
CE MSE B 174 7.88 15.68 -4.84
N MSE B 175 12.04 15.08 -1.34
CA MSE B 175 12.30 16.12 -0.37
C MSE B 175 13.33 17.08 -0.91
O MSE B 175 13.16 18.30 -0.83
CB MSE B 175 12.76 15.53 0.97
CG MSE B 175 11.60 15.02 1.82
SE MSE B 175 10.11 16.26 1.68
CE MSE B 175 10.48 17.34 3.28
N ALA B 176 14.39 16.53 -1.48
CA ALA B 176 15.45 17.33 -2.07
C ALA B 176 14.88 18.35 -3.04
N ILE B 177 14.23 17.89 -4.11
CA ILE B 177 13.77 18.81 -5.15
C ILE B 177 12.75 19.82 -4.62
N GLN B 178 11.92 19.40 -3.69
CA GLN B 178 10.89 20.25 -3.12
C GLN B 178 11.48 21.51 -2.51
N TYR B 179 12.59 21.36 -1.80
CA TYR B 179 13.17 22.47 -1.07
C TYR B 179 14.34 23.14 -1.79
N ILE B 180 15.15 22.34 -2.48
CA ILE B 180 16.22 22.91 -3.26
C ILE B 180 15.65 23.64 -4.48
N ASP B 181 14.35 23.46 -4.76
CA ASP B 181 13.79 24.22 -5.87
C ASP B 181 13.58 25.69 -5.56
N TYR B 182 13.24 26.00 -4.31
CA TYR B 182 12.96 27.39 -3.93
C TYR B 182 14.10 28.36 -4.28
N PRO B 183 15.31 28.14 -3.75
CA PRO B 183 16.33 29.12 -4.10
C PRO B 183 16.78 29.01 -5.56
N ALA B 184 16.58 27.86 -6.20
CA ALA B 184 17.05 27.72 -7.55
C ALA B 184 16.00 28.15 -8.56
N ASP B 185 14.87 28.63 -8.08
CA ASP B 185 13.87 29.21 -8.97
C ASP B 185 13.92 30.72 -8.87
N ASN B 186 14.26 31.21 -7.67
CA ASN B 186 14.47 32.63 -7.45
C ASN B 186 15.57 33.18 -8.35
N HIS B 187 16.59 32.36 -8.60
CA HIS B 187 17.60 32.67 -9.61
C HIS B 187 17.27 31.83 -10.83
N LYS B 188 16.83 32.47 -11.91
CA LYS B 188 16.29 31.77 -13.07
C LYS B 188 17.05 30.50 -13.45
N LEU B 189 16.29 29.40 -13.53
CA LEU B 189 16.79 28.08 -13.89
C LEU B 189 15.71 27.30 -14.62
N GLY B 190 16.13 26.47 -15.58
CA GLY B 190 15.21 25.64 -16.32
C GLY B 190 14.53 24.60 -15.44
N TRP B 191 13.41 24.06 -15.92
CA TRP B 191 12.67 23.05 -15.19
C TRP B 191 13.46 21.74 -15.02
N ASN B 192 14.00 21.25 -16.13
CA ASN B 192 14.83 20.04 -16.10
C ASN B 192 16.21 20.31 -15.52
N GLU B 193 16.76 21.47 -15.87
CA GLU B 193 18.12 21.86 -15.49
C GLU B 193 18.38 21.74 -14.00
N MSE B 194 17.46 22.27 -13.20
CA MSE B 194 17.55 22.16 -11.75
C MSE B 194 17.74 20.71 -11.37
O MSE B 194 18.71 20.36 -10.68
CB MSE B 194 16.30 22.75 -11.09
CG MSE B 194 16.18 22.47 -9.60
SE MSE B 194 15.12 20.88 -9.24
CE MSE B 194 13.64 21.26 -10.49
N LEU B 195 16.85 19.85 -11.87
CA LEU B 195 16.91 18.42 -11.62
C LEU B 195 18.25 17.85 -12.03
N ALA B 196 18.76 18.28 -13.18
CA ALA B 196 20.03 17.74 -13.66
C ALA B 196 21.13 18.11 -12.67
N TRP B 197 21.04 19.33 -12.15
CA TRP B 197 21.99 19.76 -11.13
C TRP B 197 21.78 18.96 -9.86
N LEU B 198 20.51 18.69 -9.55
CA LEU B 198 20.18 17.82 -8.43
C LEU B 198 20.79 16.44 -8.65
N ARG B 199 20.91 16.05 -9.92
CA ARG B 199 21.54 14.77 -10.24
C ARG B 199 23.06 14.91 -10.21
N GLU B 200 23.56 16.09 -10.57
CA GLU B 200 25.00 16.32 -10.68
C GLU B 200 25.73 16.17 -9.35
N LYS B 201 24.97 16.22 -8.27
CA LYS B 201 25.49 15.91 -6.94
C LYS B 201 24.39 15.20 -6.17
N ARG B 202 24.29 13.89 -6.38
CA ARG B 202 23.19 13.15 -5.78
C ARG B 202 23.39 12.89 -4.30
N TRP B 203 24.64 12.78 -3.86
CA TRP B 203 24.90 12.39 -2.48
C TRP B 203 24.42 13.44 -1.48
N GLN B 204 24.81 14.69 -1.71
CA GLN B 204 24.46 15.79 -0.80
C GLN B 204 22.99 16.17 -0.90
N SER B 205 22.43 16.08 -2.10
CA SER B 205 21.00 16.28 -2.30
C SER B 205 20.24 15.26 -1.48
N LEU B 206 20.66 14.00 -1.62
CA LEU B 206 19.96 12.91 -0.96
C LEU B 206 20.17 12.99 0.53
N SER B 207 21.29 13.60 0.92
CA SER B 207 21.58 13.81 2.33
C SER B 207 20.62 14.83 2.90
N PHE B 208 20.61 16.03 2.32
CA PHE B 208 19.76 17.12 2.76
C PHE B 208 18.29 16.72 2.78
N GLY B 209 17.81 16.21 1.64
CA GLY B 209 16.45 15.69 1.57
C GLY B 209 16.22 14.58 2.57
N GLY B 210 17.29 13.83 2.86
CA GLY B 210 17.20 12.69 3.74
C GLY B 210 16.89 13.12 5.16
N ILE B 211 17.75 13.98 5.68
CA ILE B 211 17.62 14.45 7.05
C ILE B 211 16.35 15.27 7.21
N VAL B 212 16.04 16.07 6.19
CA VAL B 212 14.82 16.86 6.19
C VAL B 212 13.58 15.95 6.19
N TYR B 213 13.74 14.74 5.66
CA TYR B 213 12.69 13.70 5.66
C TYR B 213 12.52 13.07 7.04
N LEU B 214 13.65 12.66 7.60
CA LEU B 214 13.69 12.10 8.95
C LEU B 214 13.00 13.04 9.92
N VAL B 215 13.29 14.34 9.79
CA VAL B 215 12.70 15.31 10.69
C VAL B 215 11.23 15.60 10.30
N LEU B 216 10.96 15.55 9.01
CA LEU B 216 9.59 15.67 8.48
C LEU B 216 8.63 14.68 9.15
N LEU B 217 9.11 13.48 9.46
CA LEU B 217 8.26 12.46 10.12
C LEU B 217 7.54 12.97 11.37
N ILE B 218 8.30 13.57 12.29
CA ILE B 218 7.74 14.10 13.53
C ILE B 218 6.59 15.05 13.24
N PRO B 219 5.39 14.73 13.75
CA PRO B 219 4.15 15.46 13.44
C PRO B 219 4.01 16.82 14.11
N VAL B 220 4.86 17.13 15.09
CA VAL B 220 4.75 18.40 15.83
C VAL B 220 5.84 19.41 15.51
N VAL B 221 7.09 18.98 15.62
CA VAL B 221 8.22 19.88 15.41
C VAL B 221 8.37 20.25 13.94
N ASN B 222 7.76 19.45 13.06
CA ASN B 222 7.85 19.66 11.62
C ASN B 222 7.33 21.02 11.16
N ILE B 223 6.36 21.58 11.90
CA ILE B 223 5.76 22.86 11.55
C ILE B 223 6.81 23.97 11.55
N LEU B 224 7.81 23.84 12.42
CA LEU B 224 8.92 24.80 12.49
C LEU B 224 10.04 24.36 11.58
N MSE B 225 10.14 23.05 11.34
CA MSE B 225 11.21 22.50 10.53
C MSE B 225 10.99 22.65 9.02
O MSE B 225 11.93 22.52 8.22
CB MSE B 225 11.49 21.05 10.92
CG MSE B 225 11.93 20.86 12.36
SE MSE B 225 13.61 21.75 12.85
CE MSE B 225 14.89 20.47 12.15
N MSE B 226 9.75 22.94 8.64
CA MSE B 226 9.45 23.17 7.22
C MSE B 226 10.05 24.48 6.71
O MSE B 226 10.61 24.51 5.63
CB MSE B 226 7.95 23.06 6.93
CG MSE B 226 7.44 21.63 6.99
SE MSE B 226 5.55 21.41 6.56
CE MSE B 226 5.54 22.18 4.77
N PRO B 227 9.94 25.57 7.50
CA PRO B 227 10.74 26.71 7.03
C PRO B 227 12.23 26.47 7.25
N ALA B 228 12.58 25.66 8.23
CA ALA B 228 13.98 25.31 8.47
C ALA B 228 14.54 24.64 7.22
N ALA B 229 13.72 23.80 6.60
CA ALA B 229 14.03 23.15 5.34
C ALA B 229 14.46 24.13 4.25
N VAL B 230 13.59 25.08 3.91
CA VAL B 230 13.88 26.01 2.82
C VAL B 230 15.08 26.89 3.16
N ALA B 231 15.25 27.17 4.44
CA ALA B 231 16.44 27.89 4.92
C ALA B 231 17.67 27.09 4.52
N GLY B 232 17.74 25.86 5.02
CA GLY B 232 18.84 24.96 4.72
C GLY B 232 19.09 24.75 3.24
N ALA B 233 18.03 24.83 2.43
CA ALA B 233 18.17 24.62 1.00
C ALA B 233 18.76 25.84 0.30
N THR B 234 18.31 27.02 0.71
CA THR B 234 18.92 28.23 0.15
C THR B 234 20.39 28.26 0.58
N LEU B 235 20.65 27.86 1.82
CA LEU B 235 22.02 27.74 2.31
C LEU B 235 22.76 26.75 1.43
N PHE B 236 22.04 25.71 1.04
CA PHE B 236 22.62 24.63 0.23
C PHE B 236 23.09 25.16 -1.11
N TRP B 237 22.29 25.98 -1.78
CA TRP B 237 22.80 26.54 -3.03
C TRP B 237 23.88 27.60 -2.80
N VAL B 238 23.77 28.33 -1.69
CA VAL B 238 24.74 29.37 -1.41
C VAL B 238 26.15 28.82 -1.28
N ARG B 239 26.30 27.71 -0.57
CA ARG B 239 27.62 27.12 -0.38
C ARG B 239 28.04 26.21 -1.53
N GLU B 240 27.22 26.11 -2.57
CA GLU B 240 27.57 25.31 -3.74
C GLU B 240 27.38 26.07 -5.05
#